data_6SOD
#
_entry.id   6SOD
#
_cell.length_a   45.930
_cell.length_b   85.310
_cell.length_c   126.340
_cell.angle_alpha   90.000
_cell.angle_beta   90.000
_cell.angle_gamma   90.000
#
_symmetry.space_group_name_H-M   'P 21 21 21'
#
loop_
_entity.id
_entity.type
_entity.pdbx_description
1 polymer 'Mitogen-activated protein kinase 14'
2 non-polymer 1-[[(3~{S})-1,4-dioxaspiro[4.5]decan-3-yl]methyl]piperidine
3 non-polymer 'CHLORIDE ION'
4 non-polymer 'MAGNESIUM ION'
5 non-polymer 'SULFATE ION'
6 non-polymer 'DIMETHYL SULFOXIDE'
7 water water
#
_entity_poly.entity_id   1
_entity_poly.type   'polypeptide(L)'
_entity_poly.pdbx_seq_one_letter_code
;MGSSHHHHHHSQDPENLYFQGMSQERPTFYRQELNKTIWEVPERYQNLSPVGSGAYGSVCAAFDTKTGHRVAVKKLSRPF
QSIIHAKRTYRELRLLKHMKHENVIGLLDVFTPARSLEEFNDVYLVTHLMGADLNNIVKCQKLTDDHVQFLIYQILRGLK
YIHSADIIHRDLKPSNLAVNEDCELKILDFGLARHTDDEMTGYVATRWYRAPEIMLNWMHYNQTVDIWSVGCIMAELLTG
RTLFPGTDHIDQLKLILRLVGTPGAELLKKISSESARNYIQSLAQMPKMNFANVFIGANPLAVDLLEKMLVLDSDKRITA
AQALAHAYFAQYHDPDDEPVADPYDQSFESRDLLIDEWKSLTYDEVISFVPPPLDQEEMES
;
_entity_poly.pdbx_strand_id   A
#
loop_
_chem_comp.id
_chem_comp.type
_chem_comp.name
_chem_comp.formula
CL non-polymer 'CHLORIDE ION' 'Cl -1'
DMS non-polymer 'DIMETHYL SULFOXIDE' 'C2 H6 O S'
LOE non-polymer 1-[[(3~{S})-1,4-dioxaspiro[4.5]decan-3-yl]methyl]piperidine 'C14 H25 N O2'
MG non-polymer 'MAGNESIUM ION' 'Mg 2'
SO4 non-polymer 'SULFATE ION' 'O4 S -2'
#
# COMPACT_ATOMS: atom_id res chain seq x y z
N ARG A 26 22.64 19.68 16.14
CA ARG A 26 22.39 18.26 16.41
C ARG A 26 21.76 18.10 17.79
N PRO A 27 20.65 17.38 17.86
CA PRO A 27 20.01 17.14 19.17
C PRO A 27 20.88 16.28 20.07
N THR A 28 20.54 16.32 21.36
CA THR A 28 21.13 15.41 22.34
C THR A 28 20.39 14.09 22.31
N PHE A 29 21.12 12.98 22.28
CA PHE A 29 20.54 11.65 22.26
C PHE A 29 20.65 11.00 23.64
N TYR A 30 19.76 10.06 23.91
CA TYR A 30 19.89 9.21 25.09
C TYR A 30 19.63 7.76 24.69
N ARG A 31 20.29 6.83 25.42
CA ARG A 31 20.28 5.41 25.11
C ARG A 31 19.46 4.63 26.12
N GLN A 32 18.87 3.54 25.66
CA GLN A 32 18.16 2.65 26.57
C GLN A 32 17.95 1.30 25.89
N GLU A 33 17.81 0.25 26.71
CA GLU A 33 17.58 -1.09 26.22
C GLU A 33 16.12 -1.46 26.46
N LEU A 34 15.40 -1.77 25.39
CA LEU A 34 13.99 -2.13 25.46
C LEU A 34 13.79 -3.42 24.68
N ASN A 35 13.35 -4.47 25.36
CA ASN A 35 13.14 -5.80 24.77
C ASN A 35 14.37 -6.24 23.98
N LYS A 36 15.50 -6.28 24.69
CA LYS A 36 16.77 -6.78 24.17
C LYS A 36 17.29 -5.99 22.96
N THR A 37 16.88 -4.73 22.82
CA THR A 37 17.35 -3.87 21.72
C THR A 37 17.78 -2.52 22.28
N ILE A 38 18.90 -2.00 21.80
CA ILE A 38 19.38 -0.67 22.20
C ILE A 38 18.72 0.38 21.33
N TRP A 39 18.07 1.36 21.96
CA TRP A 39 17.45 2.48 21.27
C TRP A 39 18.19 3.75 21.68
N GLU A 40 18.74 4.45 20.71
CA GLU A 40 19.40 5.74 20.93
C GLU A 40 18.68 6.79 20.11
N VAL A 41 17.97 7.70 20.77
CA VAL A 41 17.05 8.61 20.07
C VAL A 41 17.17 10.02 20.67
N PRO A 42 16.79 11.04 19.89
CA PRO A 42 16.75 12.41 20.44
C PRO A 42 15.82 12.54 21.64
N GLU A 43 16.23 13.44 22.56
CA GLU A 43 15.47 13.72 23.78
C GLU A 43 14.00 14.08 23.53
N ARG A 44 13.70 14.68 22.39
CA ARG A 44 12.30 15.05 22.12
C ARG A 44 11.36 13.83 22.20
N TYR A 45 11.87 12.62 21.96
CA TYR A 45 11.02 11.41 21.95
C TYR A 45 11.06 10.78 23.34
N GLN A 46 9.89 10.66 23.96
CA GLN A 46 9.77 10.25 25.36
C GLN A 46 8.75 9.11 25.51
N ASN A 47 8.95 8.35 26.59
CA ASN A 47 8.04 7.29 27.02
C ASN A 47 7.91 6.21 25.95
N LEU A 48 9.06 5.72 25.47
CA LEU A 48 9.07 4.72 24.41
C LEU A 48 8.49 3.41 24.92
N SER A 49 7.67 2.78 24.08
CA SER A 49 6.95 1.58 24.48
C SER A 49 6.89 0.57 23.34
N PRO A 50 7.54 -0.59 23.48
CA PRO A 50 7.61 -1.54 22.36
C PRO A 50 6.23 -1.98 21.91
N VAL A 51 6.02 -1.98 20.59
CA VAL A 51 4.71 -2.28 20.04
C VAL A 51 4.73 -3.33 18.94
N GLY A 52 5.87 -3.63 18.32
CA GLY A 52 5.89 -4.65 17.28
C GLY A 52 7.29 -4.85 16.74
N SER A 53 7.43 -5.93 15.96
CA SER A 53 8.72 -6.25 15.34
C SER A 53 8.55 -6.74 13.91
N ALA A 55 10.10 -8.24 10.54
CA ALA A 55 11.50 -8.57 10.29
C ALA A 55 12.24 -7.38 9.70
N TYR A 56 11.50 -6.38 9.23
CA TYR A 56 12.09 -5.18 8.66
C TYR A 56 12.63 -4.23 9.73
N GLY A 57 12.18 -4.36 10.97
CA GLY A 57 12.60 -3.49 12.04
C GLY A 57 11.73 -3.69 13.26
N SER A 58 12.14 -3.04 14.35
CA SER A 58 11.37 -2.97 15.57
C SER A 58 10.71 -1.59 15.67
N VAL A 59 9.51 -1.55 16.25
CA VAL A 59 8.72 -0.33 16.37
C VAL A 59 8.39 -0.09 17.84
N CYS A 60 8.55 1.17 18.27
CA CYS A 60 8.08 1.66 19.56
C CYS A 60 7.09 2.79 19.35
N ALA A 61 6.09 2.85 20.23
CA ALA A 61 5.27 4.05 20.34
C ALA A 61 5.97 5.04 21.26
N ALA A 62 5.75 6.33 21.00
CA ALA A 62 6.41 7.37 21.79
C ALA A 62 5.59 8.65 21.71
N PHE A 63 5.89 9.57 22.64
CA PHE A 63 5.33 10.91 22.61
C PHE A 63 6.39 11.88 22.12
N ASP A 64 6.06 12.62 21.06
CA ASP A 64 7.00 13.58 20.48
C ASP A 64 6.73 14.94 21.11
N THR A 65 7.63 15.37 22.01
CA THR A 65 7.41 16.61 22.75
C THR A 65 7.55 17.84 21.87
N LYS A 66 8.16 17.71 20.69
CA LYS A 66 8.29 18.85 19.79
C LYS A 66 6.96 19.18 19.13
N THR A 67 6.21 18.17 18.72
CA THR A 67 4.99 18.38 17.94
C THR A 67 3.70 18.08 18.69
N GLY A 68 3.77 17.35 19.80
CA GLY A 68 2.59 16.97 20.54
C GLY A 68 1.89 15.71 20.03
N HIS A 69 2.40 15.06 19.00
CA HIS A 69 1.78 13.85 18.49
C HIS A 69 2.37 12.61 19.14
N ARG A 70 1.53 11.61 19.34
CA ARG A 70 2.03 10.26 19.57
C ARG A 70 2.50 9.70 18.22
N VAL A 71 3.67 9.05 18.23
CA VAL A 71 4.35 8.67 17.01
C VAL A 71 4.79 7.21 17.09
N ALA A 72 5.07 6.64 15.92
CA ALA A 72 5.74 5.36 15.80
C ALA A 72 7.19 5.59 15.37
N VAL A 73 8.12 5.04 16.14
CA VAL A 73 9.56 5.09 15.85
C VAL A 73 10.02 3.70 15.46
N LYS A 74 10.52 3.56 14.23
CA LYS A 74 10.98 2.26 13.72
C LYS A 74 12.50 2.27 13.57
N LYS A 75 13.15 1.32 14.24
CA LYS A 75 14.57 1.09 14.07
C LYS A 75 14.78 0.01 13.02
N LEU A 76 15.41 0.36 11.89
CA LEU A 76 15.58 -0.62 10.84
C LEU A 76 16.54 -1.72 11.28
N SER A 77 16.24 -2.96 10.91
CA SER A 77 17.10 -4.08 11.27
C SER A 77 18.08 -4.34 10.13
N ARG A 78 19.37 -4.28 10.45
CA ARG A 78 20.44 -4.57 9.51
C ARG A 78 20.25 -3.87 8.16
N PRO A 79 20.15 -2.54 8.15
CA PRO A 79 19.81 -1.83 6.90
C PRO A 79 20.86 -1.97 5.79
N PHE A 80 22.11 -2.25 6.10
CA PHE A 80 23.17 -2.29 5.10
C PHE A 80 23.92 -3.61 5.07
N GLN A 81 23.24 -4.72 5.36
CA GLN A 81 23.91 -6.02 5.44
C GLN A 81 24.23 -6.63 4.08
N SER A 82 23.54 -6.20 3.02
CA SER A 82 23.79 -6.69 1.67
C SER A 82 23.46 -5.58 0.68
N ILE A 83 23.88 -5.76 -0.57
CA ILE A 83 23.54 -4.78 -1.60
C ILE A 83 22.03 -4.66 -1.71
N ILE A 84 21.34 -5.79 -1.75
CA ILE A 84 19.88 -5.80 -1.83
C ILE A 84 19.29 -5.02 -0.66
N HIS A 85 19.78 -5.25 0.56
CA HIS A 85 19.20 -4.59 1.73
C HIS A 85 19.51 -3.10 1.74
N ALA A 86 20.74 -2.72 1.39
CA ALA A 86 21.11 -1.31 1.36
C ALA A 86 20.26 -0.54 0.33
N LYS A 87 20.03 -1.15 -0.83
CA LYS A 87 19.20 -0.50 -1.85
C LYS A 87 17.75 -0.39 -1.39
N ARG A 88 17.24 -1.43 -0.71
CA ARG A 88 15.88 -1.38 -0.20
C ARG A 88 15.74 -0.29 0.88
N THR A 89 16.77 -0.13 1.72
CA THR A 89 16.75 0.96 2.70
C THR A 89 16.69 2.31 2.01
N TYR A 90 17.54 2.53 1.01
CA TYR A 90 17.51 3.77 0.26
C TYR A 90 16.15 3.97 -0.40
N ARG A 91 15.58 2.90 -0.97
CA ARG A 91 14.30 3.02 -1.68
C ARG A 91 13.19 3.45 -0.74
N GLU A 92 13.11 2.83 0.45
CA GLU A 92 12.06 3.17 1.41
C GLU A 92 12.20 4.61 1.90
N LEU A 93 13.44 5.06 2.14
CA LEU A 93 13.63 6.44 2.60
C LEU A 93 13.24 7.47 1.53
N ARG A 94 13.67 7.25 0.27
CA ARG A 94 13.28 8.16 -0.82
C ARG A 94 11.76 8.27 -0.97
N LEU A 95 11.07 7.13 -0.93
CA LEU A 95 9.62 7.13 -1.11
C LEU A 95 8.91 7.84 0.04
N LEU A 96 9.30 7.55 1.29
CA LEU A 96 8.64 8.21 2.42
C LEU A 96 8.90 9.72 2.43
N LYS A 97 10.12 10.15 2.08
CA LYS A 97 10.39 11.60 2.00
C LYS A 97 9.54 12.28 0.93
N HIS A 98 9.12 11.55 -0.10
CA HIS A 98 8.39 12.21 -1.18
C HIS A 98 6.90 12.41 -0.88
N MET A 99 6.30 11.54 -0.06
N MET A 99 6.32 11.50 -0.08
CA MET A 99 4.84 11.47 0.04
CA MET A 99 4.87 11.47 0.13
C MET A 99 4.30 12.57 0.96
C MET A 99 4.41 12.65 0.96
N LYS A 100 3.58 13.52 0.37
CA LYS A 100 3.04 14.69 1.09
C LYS A 100 1.57 14.89 0.70
N HIS A 101 0.68 14.12 1.34
CA HIS A 101 -0.73 14.08 0.97
C HIS A 101 -1.57 13.63 2.17
N GLU A 102 -2.76 14.23 2.31
CA GLU A 102 -3.61 13.97 3.47
C GLU A 102 -4.00 12.51 3.62
N ASN A 103 -4.09 11.75 2.51
CA ASN A 103 -4.54 10.36 2.56
C ASN A 103 -3.41 9.36 2.35
N VAL A 104 -2.15 9.78 2.54
CA VAL A 104 -0.99 8.91 2.43
C VAL A 104 -0.09 9.15 3.64
N ILE A 105 0.48 8.07 4.20
CA ILE A 105 1.40 8.24 5.32
C ILE A 105 2.63 9.04 4.87
N GLY A 106 3.06 9.99 5.71
CA GLY A 106 4.24 10.80 5.43
C GLY A 106 5.28 10.62 6.52
N LEU A 107 6.45 11.20 6.30
CA LEU A 107 7.60 11.06 7.19
C LEU A 107 7.68 12.28 8.12
N LEU A 108 7.57 12.06 9.43
CA LEU A 108 7.69 13.17 10.39
C LEU A 108 9.14 13.50 10.71
N ASP A 109 10.02 12.49 10.69
CA ASP A 109 11.43 12.68 11.06
C ASP A 109 12.16 11.42 10.63
N VAL A 110 13.48 11.57 10.43
CA VAL A 110 14.41 10.46 10.25
C VAL A 110 15.72 10.87 10.88
N PHE A 111 16.34 9.95 11.62
CA PHE A 111 17.57 10.32 12.32
C PHE A 111 18.49 9.11 12.45
N THR A 112 19.76 9.42 12.75
CA THR A 112 20.80 8.44 13.10
C THR A 112 21.61 9.04 14.23
N PRO A 113 22.04 8.24 15.20
CA PRO A 113 22.94 8.78 16.23
C PRO A 113 24.37 8.94 15.75
N ALA A 114 24.70 8.46 14.55
CA ALA A 114 26.06 8.61 14.02
C ALA A 114 26.43 10.08 13.85
N ARG A 115 27.69 10.40 14.12
CA ARG A 115 28.20 11.74 13.91
C ARG A 115 28.91 11.90 12.56
N SER A 116 29.14 10.79 11.85
CA SER A 116 29.84 10.87 10.56
C SER A 116 29.47 9.65 9.74
N LEU A 117 29.71 9.77 8.42
CA LEU A 117 29.52 8.62 7.53
C LEU A 117 30.34 7.42 7.99
N GLU A 118 31.50 7.65 8.60
CA GLU A 118 32.36 6.54 9.02
C GLU A 118 31.70 5.67 10.08
N GLU A 119 30.97 6.28 11.02
CA GLU A 119 30.33 5.52 12.09
C GLU A 119 28.84 5.25 11.83
N PHE A 120 28.35 5.55 10.62
CA PHE A 120 26.92 5.41 10.31
C PHE A 120 26.55 3.95 10.15
N ASN A 121 25.59 3.48 10.95
CA ASN A 121 25.10 2.11 10.86
C ASN A 121 23.60 1.96 11.09
N ASP A 122 22.94 2.85 11.83
CA ASP A 122 21.55 2.67 12.22
C ASP A 122 20.67 3.79 11.65
N VAL A 123 19.46 3.43 11.24
CA VAL A 123 18.47 4.36 10.68
C VAL A 123 17.16 4.21 11.44
N TYR A 124 16.58 5.35 11.86
CA TYR A 124 15.30 5.39 12.56
C TYR A 124 14.30 6.23 11.77
N LEU A 125 13.09 5.72 11.59
CA LEU A 125 12.03 6.43 10.88
C LEU A 125 10.87 6.75 11.84
N VAL A 126 10.32 7.95 11.72
CA VAL A 126 9.27 8.43 12.62
C VAL A 126 8.04 8.82 11.80
N THR A 127 6.88 8.29 12.17
CA THR A 127 5.60 8.60 11.54
C THR A 127 4.52 8.76 12.61
N HIS A 128 3.38 9.32 12.21
CA HIS A 128 2.21 9.39 13.10
C HIS A 128 1.80 8.00 13.55
N LEU A 129 1.42 7.87 14.82
CA LEU A 129 1.00 6.60 15.38
C LEU A 129 -0.42 6.29 14.90
N MET A 130 -0.60 5.14 14.28
CA MET A 130 -1.90 4.73 13.74
C MET A 130 -2.56 3.74 14.68
N GLY A 131 -3.87 3.88 14.84
CA GLY A 131 -4.67 3.07 15.74
C GLY A 131 -5.35 1.95 14.98
N ALA A 132 -6.58 2.17 14.57
CA ALA A 132 -7.33 1.13 13.91
C ALA A 132 -6.94 1.04 12.44
N ASP A 133 -7.05 -0.15 11.86
CA ASP A 133 -7.02 -0.31 10.42
C ASP A 133 -8.42 -0.69 9.96
N LEU A 134 -8.58 -0.79 8.63
CA LEU A 134 -9.87 -1.07 8.06
C LEU A 134 -10.41 -2.44 8.47
N ASN A 135 -9.54 -3.37 8.87
CA ASN A 135 -10.04 -4.66 9.36
C ASN A 135 -10.92 -4.48 10.58
N ASN A 136 -10.46 -3.69 11.55
CA ASN A 136 -11.26 -3.44 12.74
C ASN A 136 -12.57 -2.76 12.41
N ILE A 137 -12.62 -2.04 11.29
CA ILE A 137 -13.83 -1.32 10.92
C ILE A 137 -14.84 -2.28 10.30
N VAL A 138 -14.41 -3.02 9.27
CA VAL A 138 -15.34 -3.91 8.57
C VAL A 138 -15.77 -5.07 9.45
N LYS A 139 -14.91 -5.51 10.37
CA LYS A 139 -15.21 -6.72 11.15
C LYS A 139 -16.28 -6.46 12.20
N CYS A 140 -16.24 -5.32 12.88
CA CYS A 140 -17.05 -5.11 14.08
C CYS A 140 -17.80 -3.79 14.04
N GLN A 141 -18.28 -3.37 12.86
CA GLN A 141 -19.04 -2.14 12.74
C GLN A 141 -20.15 -2.31 11.70
N LYS A 142 -21.18 -1.48 11.83
CA LYS A 142 -22.27 -1.41 10.86
C LYS A 142 -22.01 -0.20 9.97
N LEU A 143 -21.73 -0.46 8.69
CA LEU A 143 -21.31 0.56 7.75
C LEU A 143 -22.46 0.91 6.81
N THR A 144 -22.90 2.17 6.84
CA THR A 144 -23.84 2.62 5.85
C THR A 144 -23.17 2.79 4.49
N ASP A 145 -23.99 2.91 3.46
CA ASP A 145 -23.47 3.26 2.14
C ASP A 145 -22.73 4.59 2.17
N ASP A 146 -23.13 5.51 3.04
CA ASP A 146 -22.42 6.78 3.16
C ASP A 146 -21.00 6.57 3.65
N HIS A 147 -20.81 5.61 4.58
CA HIS A 147 -19.45 5.33 5.03
C HIS A 147 -18.60 4.74 3.92
N VAL A 148 -19.18 3.83 3.12
CA VAL A 148 -18.44 3.20 2.02
C VAL A 148 -18.02 4.26 1.00
N GLN A 149 -18.94 5.16 0.65
CA GLN A 149 -18.60 6.27 -0.26
C GLN A 149 -17.38 7.03 0.23
N PHE A 150 -17.38 7.44 1.52
CA PHE A 150 -16.31 8.30 2.04
C PHE A 150 -14.98 7.55 2.14
N LEU A 151 -15.02 6.30 2.59
CA LEU A 151 -13.78 5.53 2.72
C LEU A 151 -13.16 5.26 1.34
N ILE A 152 -13.97 4.80 0.38
CA ILE A 152 -13.41 4.52 -0.95
C ILE A 152 -12.96 5.81 -1.63
N TYR A 153 -13.71 6.90 -1.46
CA TYR A 153 -13.29 8.19 -2.00
C TYR A 153 -11.87 8.54 -1.57
N GLN A 154 -11.57 8.39 -0.27
CA GLN A 154 -10.27 8.79 0.24
C GLN A 154 -9.16 7.88 -0.29
N ILE A 155 -9.43 6.57 -0.46
CA ILE A 155 -8.42 5.69 -1.07
C ILE A 155 -8.09 6.15 -2.47
N LEU A 156 -9.13 6.44 -3.26
CA LEU A 156 -8.91 6.87 -4.65
C LEU A 156 -8.21 8.22 -4.72
N ARG A 157 -8.53 9.14 -3.79
CA ARG A 157 -7.85 10.44 -3.75
C ARG A 157 -6.36 10.27 -3.48
N GLY A 158 -6.01 9.39 -2.53
CA GLY A 158 -4.60 9.09 -2.30
C GLY A 158 -3.94 8.38 -3.47
N LEU A 159 -4.66 7.45 -4.12
CA LEU A 159 -4.09 6.72 -5.25
C LEU A 159 -3.86 7.63 -6.45
N LYS A 160 -4.78 8.57 -6.72
CA LYS A 160 -4.54 9.52 -7.80
C LYS A 160 -3.22 10.27 -7.59
N TYR A 161 -2.95 10.68 -6.35
CA TYR A 161 -1.69 11.34 -6.01
C TYR A 161 -0.49 10.40 -6.24
N ILE A 162 -0.56 9.18 -5.68
CA ILE A 162 0.52 8.21 -5.80
C ILE A 162 0.80 7.87 -7.27
N HIS A 163 -0.25 7.59 -8.02
CA HIS A 163 -0.07 7.20 -9.42
C HIS A 163 0.45 8.34 -10.27
N SER A 164 0.11 9.59 -9.92
CA SER A 164 0.62 10.74 -10.67
C SER A 164 2.13 10.83 -10.61
N ALA A 165 2.77 10.25 -9.59
CA ALA A 165 4.22 10.20 -9.52
C ALA A 165 4.80 8.93 -10.15
N ASP A 166 3.99 8.18 -10.90
CA ASP A 166 4.40 6.89 -11.48
C ASP A 166 4.90 5.92 -10.40
N ILE A 167 4.24 5.93 -9.25
CA ILE A 167 4.48 4.96 -8.17
C ILE A 167 3.30 3.99 -8.14
N ILE A 168 3.58 2.70 -7.95
CA ILE A 168 2.57 1.66 -7.80
C ILE A 168 2.64 1.13 -6.37
N HIS A 169 1.50 1.12 -5.66
CA HIS A 169 1.54 0.66 -4.27
C HIS A 169 1.86 -0.83 -4.18
N ARG A 170 1.09 -1.66 -4.90
CA ARG A 170 1.24 -3.11 -5.11
C ARG A 170 0.69 -3.97 -3.96
N ASP A 171 0.36 -3.42 -2.79
CA ASP A 171 0.02 -4.23 -1.63
C ASP A 171 -1.17 -3.62 -0.89
N LEU A 172 -2.13 -3.06 -1.63
CA LEU A 172 -3.30 -2.49 -0.97
C LEU A 172 -4.18 -3.59 -0.45
N LYS A 173 -4.54 -3.49 0.82
CA LYS A 173 -5.37 -4.45 1.54
C LYS A 173 -5.84 -3.80 2.86
N PRO A 174 -6.91 -4.29 3.48
CA PRO A 174 -7.47 -3.58 4.65
C PRO A 174 -6.46 -3.31 5.76
N SER A 175 -5.50 -4.21 6.00
CA SER A 175 -4.53 -3.97 7.08
C SER A 175 -3.52 -2.88 6.75
N ASN A 176 -3.47 -2.42 5.51
CA ASN A 176 -2.58 -1.32 5.10
C ASN A 176 -3.34 -0.02 4.94
N LEU A 177 -4.51 0.10 5.58
CA LEU A 177 -5.33 1.30 5.53
C LEU A 177 -5.71 1.68 6.96
N ALA A 178 -5.18 2.82 7.43
CA ALA A 178 -5.45 3.31 8.78
C ALA A 178 -6.67 4.22 8.77
N VAL A 179 -7.52 4.09 9.80
CA VAL A 179 -8.78 4.83 9.89
C VAL A 179 -8.95 5.29 11.34
N ASN A 180 -9.50 6.48 11.51
CA ASN A 180 -9.74 7.02 12.85
C ASN A 180 -11.24 7.08 13.15
N GLU A 181 -11.58 7.68 14.31
CA GLU A 181 -12.96 7.72 14.76
C GLU A 181 -13.84 8.56 13.85
N ASP A 182 -13.27 9.56 13.17
CA ASP A 182 -14.02 10.39 12.23
C ASP A 182 -14.04 9.82 10.82
N CYS A 183 -13.69 8.54 10.66
CA CYS A 183 -13.70 7.85 9.37
C CYS A 183 -12.65 8.39 8.38
N GLU A 184 -11.63 9.07 8.86
CA GLU A 184 -10.55 9.56 8.01
C GLU A 184 -9.51 8.47 7.80
N LEU A 185 -8.96 8.41 6.57
CA LEU A 185 -8.18 7.27 6.12
C LEU A 185 -6.82 7.69 5.58
N LYS A 186 -5.80 6.86 5.83
CA LYS A 186 -4.46 7.00 5.25
C LYS A 186 -3.97 5.68 4.69
N ILE A 187 -3.33 5.74 3.52
CA ILE A 187 -2.68 4.57 2.91
C ILE A 187 -1.28 4.43 3.50
N LEU A 188 -0.89 3.20 3.89
CA LEU A 188 0.47 3.00 4.36
C LEU A 188 1.06 1.71 3.79
N ASP A 189 2.29 1.40 4.24
CA ASP A 189 2.99 0.13 3.97
C ASP A 189 3.11 -0.19 2.48
N PHE A 190 3.76 0.73 1.77
CA PHE A 190 4.01 0.55 0.34
C PHE A 190 4.79 -0.73 0.08
N GLY A 191 4.45 -1.39 -1.03
CA GLY A 191 5.19 -2.57 -1.45
C GLY A 191 6.60 -2.19 -1.87
N LEU A 192 7.59 -2.69 -1.16
CA LEU A 192 8.96 -2.22 -1.35
C LEU A 192 9.92 -3.37 -1.67
N HIS A 195 7.20 -9.24 -1.35
CA HIS A 195 6.81 -10.36 -0.50
C HIS A 195 7.49 -11.65 -0.96
N THR A 196 7.66 -12.59 -0.04
CA THR A 196 8.34 -13.84 -0.36
C THR A 196 7.35 -14.88 -0.87
N ASP A 197 7.90 -15.99 -1.39
CA ASP A 197 7.08 -17.05 -1.95
C ASP A 197 6.16 -17.65 -0.89
N ASP A 198 6.72 -17.97 0.28
CA ASP A 198 5.92 -18.59 1.34
C ASP A 198 4.79 -17.67 1.81
N GLU A 199 5.01 -16.36 1.81
CA GLU A 199 4.00 -15.46 2.37
C GLU A 199 2.75 -15.35 1.50
N MET A 200 2.80 -15.79 0.24
CA MET A 200 1.66 -15.73 -0.67
C MET A 200 0.99 -17.09 -0.86
N THR A 201 1.38 -18.08 -0.09
CA THR A 201 0.92 -19.45 -0.28
C THR A 201 -0.29 -19.75 0.60
N GLY A 202 -1.28 -20.42 0.01
CA GLY A 202 -2.36 -20.99 0.80
C GLY A 202 -3.52 -20.02 1.03
N TYR A 203 -4.19 -20.21 2.18
CA TYR A 203 -5.39 -19.44 2.51
C TYR A 203 -4.95 -18.23 3.32
N VAL A 204 -4.50 -17.17 2.61
CA VAL A 204 -3.85 -16.04 3.25
C VAL A 204 -4.39 -14.73 2.68
N ALA A 205 -4.72 -13.79 3.57
CA ALA A 205 -5.23 -12.49 3.15
C ALA A 205 -4.20 -11.72 2.35
N THR A 206 -2.91 -12.08 2.46
CA THR A 206 -1.89 -11.36 1.71
C THR A 206 -2.06 -11.49 0.20
N ARG A 207 -2.79 -12.50 -0.29
CA ARG A 207 -2.99 -12.70 -1.73
C ARG A 207 -4.41 -12.38 -2.19
N TRP A 208 -5.38 -12.30 -1.28
CA TRP A 208 -6.78 -12.19 -1.68
C TRP A 208 -7.08 -10.89 -2.42
N TYR A 209 -6.24 -9.86 -2.29
CA TYR A 209 -6.50 -8.57 -2.90
C TYR A 209 -5.63 -8.30 -4.13
N ARG A 210 -4.85 -9.28 -4.59
CA ARG A 210 -3.93 -9.07 -5.70
C ARG A 210 -4.62 -9.31 -7.05
N ALA A 211 -4.29 -8.47 -8.05
CA ALA A 211 -4.84 -8.64 -9.38
C ALA A 211 -4.30 -9.94 -10.01
N PRO A 212 -5.11 -10.64 -10.80
CA PRO A 212 -4.68 -11.94 -11.31
C PRO A 212 -3.40 -11.89 -12.13
N GLU A 213 -3.18 -10.82 -12.89
CA GLU A 213 -2.02 -10.75 -13.78
C GLU A 213 -0.69 -10.65 -13.01
N ILE A 214 -0.70 -10.18 -11.76
CA ILE A 214 0.54 -10.15 -11.00
C ILE A 214 0.61 -11.39 -10.09
N MET A 215 -0.56 -11.89 -9.67
CA MET A 215 -0.57 -13.10 -8.86
C MET A 215 0.01 -14.29 -9.62
N LEU A 216 -0.22 -14.34 -10.93
CA LEU A 216 0.23 -15.44 -11.77
C LEU A 216 1.33 -15.02 -12.75
N ASN A 217 1.83 -13.79 -12.63
CA ASN A 217 2.91 -13.27 -13.48
C ASN A 217 2.58 -13.41 -14.97
N TRP A 218 1.37 -12.98 -15.35
CA TRP A 218 0.92 -13.09 -16.73
C TRP A 218 1.69 -12.16 -17.66
N MET A 219 2.15 -11.02 -17.14
CA MET A 219 2.62 -9.93 -17.99
C MET A 219 3.24 -8.88 -17.09
N HIS A 220 3.89 -7.91 -17.73
CA HIS A 220 4.33 -6.71 -17.03
C HIS A 220 3.11 -5.88 -16.66
N TYR A 221 3.01 -5.54 -15.37
CA TYR A 221 1.78 -4.96 -14.82
C TYR A 221 1.85 -3.45 -14.72
N ASN A 222 0.66 -2.83 -14.71
CA ASN A 222 0.54 -1.38 -14.68
C ASN A 222 0.07 -0.91 -13.29
N GLN A 223 -0.15 0.40 -13.16
CA GLN A 223 -0.71 0.94 -11.93
C GLN A 223 -2.14 0.49 -11.68
N THR A 224 -2.86 -0.04 -12.67
CA THR A 224 -4.21 -0.46 -12.32
C THR A 224 -4.24 -1.78 -11.58
N VAL A 225 -3.11 -2.41 -11.23
CA VAL A 225 -3.20 -3.49 -10.25
C VAL A 225 -3.77 -2.95 -8.94
N ASP A 226 -3.46 -1.70 -8.60
CA ASP A 226 -3.99 -1.10 -7.38
C ASP A 226 -5.50 -0.90 -7.48
N ILE A 227 -6.04 -0.60 -8.67
CA ILE A 227 -7.48 -0.41 -8.81
C ILE A 227 -8.21 -1.74 -8.59
N TRP A 228 -7.64 -2.86 -9.06
CA TRP A 228 -8.21 -4.17 -8.76
C TRP A 228 -8.35 -4.37 -7.25
N SER A 229 -7.29 -4.03 -6.51
CA SER A 229 -7.31 -4.13 -5.05
C SER A 229 -8.42 -3.29 -4.43
N VAL A 230 -8.60 -2.05 -4.92
CA VAL A 230 -9.67 -1.20 -4.41
C VAL A 230 -11.05 -1.84 -4.63
N GLY A 231 -11.25 -2.45 -5.79
CA GLY A 231 -12.51 -3.17 -6.01
C GLY A 231 -12.77 -4.27 -4.99
N CYS A 232 -11.74 -5.07 -4.69
CA CYS A 232 -11.86 -6.14 -3.69
C CYS A 232 -12.20 -5.56 -2.33
N ILE A 233 -11.57 -4.44 -1.98
CA ILE A 233 -11.83 -3.81 -0.68
C ILE A 233 -13.24 -3.22 -0.62
N MET A 234 -13.65 -2.51 -1.68
CA MET A 234 -15.01 -1.96 -1.71
C MET A 234 -16.07 -3.07 -1.58
N ALA A 235 -15.90 -4.19 -2.31
CA ALA A 235 -16.85 -5.29 -2.21
C ALA A 235 -16.97 -5.80 -0.77
N GLU A 236 -15.84 -5.91 -0.08
CA GLU A 236 -15.83 -6.40 1.29
C GLU A 236 -16.51 -5.41 2.25
N LEU A 237 -16.27 -4.11 2.08
CA LEU A 237 -16.99 -3.11 2.88
C LEU A 237 -18.51 -3.20 2.68
N LEU A 238 -18.96 -3.48 1.46
CA LEU A 238 -20.39 -3.49 1.19
C LEU A 238 -21.09 -4.73 1.72
N THR A 239 -20.38 -5.87 1.78
CA THR A 239 -20.98 -7.17 2.10
C THR A 239 -20.53 -7.73 3.44
N GLY A 240 -19.44 -7.22 4.01
CA GLY A 240 -18.84 -7.80 5.20
C GLY A 240 -18.09 -9.10 4.98
N ARG A 241 -17.85 -9.49 3.73
CA ARG A 241 -17.20 -10.76 3.41
C ARG A 241 -16.11 -10.54 2.38
N THR A 242 -15.03 -11.32 2.50
CA THR A 242 -13.96 -11.32 1.49
C THR A 242 -14.50 -11.73 0.11
N LEU A 243 -14.14 -10.96 -0.93
CA LEU A 243 -14.64 -11.25 -2.27
C LEU A 243 -14.04 -12.53 -2.85
N PHE A 244 -12.71 -12.69 -2.80
CA PHE A 244 -12.03 -13.83 -3.44
C PHE A 244 -11.13 -14.55 -2.43
N PRO A 245 -11.73 -15.23 -1.44
CA PRO A 245 -10.89 -15.91 -0.40
C PRO A 245 -10.38 -17.28 -0.84
N GLY A 246 -9.45 -17.29 -1.79
CA GLY A 246 -9.00 -18.57 -2.34
C GLY A 246 -8.10 -19.32 -1.38
N THR A 247 -8.16 -20.65 -1.45
CA THR A 247 -7.29 -21.49 -0.63
C THR A 247 -5.89 -21.66 -1.22
N ASP A 248 -5.67 -21.22 -2.45
CA ASP A 248 -4.36 -21.21 -3.12
C ASP A 248 -4.53 -20.39 -4.41
N HIS A 249 -3.42 -20.19 -5.14
CA HIS A 249 -3.45 -19.37 -6.36
C HIS A 249 -4.52 -19.84 -7.35
N ILE A 250 -4.63 -21.15 -7.56
CA ILE A 250 -5.51 -21.71 -8.58
C ILE A 250 -6.97 -21.63 -8.14
N ASP A 251 -7.24 -21.96 -6.88
CA ASP A 251 -8.59 -21.81 -6.34
C ASP A 251 -9.04 -20.35 -6.42
N GLN A 252 -8.14 -19.41 -6.13
CA GLN A 252 -8.49 -18.00 -6.21
C GLN A 252 -8.76 -17.57 -7.66
N LEU A 253 -7.94 -18.02 -8.61
CA LEU A 253 -8.21 -17.70 -10.01
C LEU A 253 -9.59 -18.19 -10.43
N LYS A 254 -9.98 -19.38 -10.00
CA LYS A 254 -11.29 -19.91 -10.38
C LYS A 254 -12.43 -19.05 -9.83
N LEU A 255 -12.30 -18.59 -8.56
CA LEU A 255 -13.29 -17.65 -8.02
C LEU A 255 -13.37 -16.37 -8.85
N ILE A 256 -12.20 -15.83 -9.21
CA ILE A 256 -12.16 -14.60 -10.01
C ILE A 256 -12.87 -14.80 -11.36
N LEU A 257 -12.53 -15.88 -12.08
CA LEU A 257 -13.09 -16.07 -13.43
C LEU A 257 -14.58 -16.39 -13.39
N ARG A 258 -15.06 -16.99 -12.29
CA ARG A 258 -16.50 -17.19 -12.14
C ARG A 258 -17.23 -15.85 -12.10
N LEU A 259 -16.64 -14.83 -11.46
CA LEU A 259 -17.29 -13.53 -11.41
C LEU A 259 -17.15 -12.73 -12.71
N VAL A 260 -15.93 -12.63 -13.26
CA VAL A 260 -15.70 -11.67 -14.35
C VAL A 260 -15.70 -12.31 -15.73
N GLY A 261 -15.80 -13.63 -15.81
CA GLY A 261 -15.73 -14.36 -17.05
C GLY A 261 -14.32 -14.78 -17.40
N THR A 262 -14.22 -15.80 -18.27
CA THR A 262 -12.91 -16.23 -18.78
C THR A 262 -12.39 -15.26 -19.86
N PRO A 263 -11.07 -15.22 -20.06
CA PRO A 263 -10.50 -14.26 -21.03
C PRO A 263 -10.92 -14.55 -22.47
N GLY A 264 -11.18 -13.47 -23.22
CA GLY A 264 -11.29 -13.57 -24.66
C GLY A 264 -9.92 -13.49 -25.35
N ALA A 265 -9.93 -13.71 -26.67
CA ALA A 265 -8.68 -13.79 -27.42
C ALA A 265 -7.86 -12.51 -27.32
N GLU A 266 -8.54 -11.37 -27.20
CA GLU A 266 -7.84 -10.09 -27.10
C GLU A 266 -6.90 -10.08 -25.89
N LEU A 267 -7.39 -10.50 -24.72
CA LEU A 267 -6.54 -10.51 -23.54
C LEU A 267 -5.52 -11.65 -23.60
N LEU A 268 -5.92 -12.82 -24.09
CA LEU A 268 -4.97 -13.92 -24.22
C LEU A 268 -3.75 -13.53 -25.03
N LYS A 269 -3.94 -12.71 -26.07
CA LYS A 269 -2.81 -12.21 -26.86
C LYS A 269 -1.79 -11.49 -26.00
N LYS A 270 -2.23 -10.89 -24.89
CA LYS A 270 -1.36 -10.06 -24.06
C LYS A 270 -0.66 -10.83 -22.97
N ILE A 271 -0.93 -12.12 -22.80
CA ILE A 271 -0.30 -12.93 -21.78
C ILE A 271 0.98 -13.53 -22.34
N SER A 272 2.08 -13.38 -21.60
CA SER A 272 3.42 -13.65 -22.12
C SER A 272 3.79 -15.13 -22.04
N SER A 273 3.51 -15.77 -20.91
CA SER A 273 3.89 -17.18 -20.75
C SER A 273 2.99 -18.05 -21.60
N GLU A 274 3.60 -18.83 -22.50
CA GLU A 274 2.83 -19.80 -23.26
C GLU A 274 2.21 -20.86 -22.35
N SER A 275 2.90 -21.22 -21.26
CA SER A 275 2.32 -22.15 -20.29
C SER A 275 1.07 -21.57 -19.66
N ALA A 276 1.13 -20.29 -19.26
CA ALA A 276 -0.03 -19.63 -18.69
C ALA A 276 -1.19 -19.57 -19.68
N ARG A 277 -0.90 -19.15 -20.93
CA ARG A 277 -1.93 -19.17 -21.96
C ARG A 277 -2.49 -20.57 -22.13
N ASN A 278 -1.59 -21.56 -22.19
CA ASN A 278 -2.01 -22.96 -22.26
C ASN A 278 -2.93 -23.34 -21.11
N TYR A 279 -2.57 -22.94 -19.88
CA TYR A 279 -3.41 -23.32 -18.75
C TYR A 279 -4.79 -22.65 -18.85
N ILE A 280 -4.81 -21.36 -19.19
CA ILE A 280 -6.07 -20.63 -19.30
C ILE A 280 -7.00 -21.30 -20.31
N GLN A 281 -6.46 -21.66 -21.47
CA GLN A 281 -7.27 -22.30 -22.51
C GLN A 281 -7.79 -23.67 -22.09
N SER A 282 -7.25 -24.27 -21.03
CA SER A 282 -7.77 -25.56 -20.63
C SER A 282 -9.06 -25.45 -19.83
N LEU A 283 -9.42 -24.26 -19.36
CA LEU A 283 -10.62 -24.09 -18.55
C LEU A 283 -11.85 -23.88 -19.44
N ALA A 284 -12.98 -24.46 -19.03
CA ALA A 284 -14.22 -24.24 -19.77
C ALA A 284 -14.60 -22.76 -19.72
N GLN A 285 -15.16 -22.26 -20.82
CA GLN A 285 -15.44 -20.84 -20.88
C GLN A 285 -16.65 -20.49 -20.03
N MET A 286 -16.63 -19.29 -19.45
CA MET A 286 -17.67 -18.81 -18.54
C MET A 286 -17.98 -17.36 -18.87
N PRO A 287 -19.26 -16.96 -18.86
CA PRO A 287 -19.61 -15.54 -19.02
C PRO A 287 -19.44 -14.74 -17.74
N LYS A 288 -19.29 -13.43 -17.92
CA LYS A 288 -19.34 -12.51 -16.78
C LYS A 288 -20.70 -12.61 -16.08
N MET A 289 -20.69 -12.64 -14.75
CA MET A 289 -21.92 -12.68 -13.96
C MET A 289 -22.59 -11.31 -13.88
N ASN A 290 -23.85 -11.33 -13.46
CA ASN A 290 -24.59 -10.09 -13.24
C ASN A 290 -24.26 -9.58 -11.84
N PHE A 291 -23.58 -8.42 -11.73
CA PHE A 291 -23.11 -7.98 -10.41
C PHE A 291 -24.27 -7.57 -9.49
N ALA A 292 -25.40 -7.12 -10.05
CA ALA A 292 -26.57 -6.85 -9.19
C ALA A 292 -27.10 -8.11 -8.50
N ASN A 293 -26.89 -9.31 -9.05
CA ASN A 293 -27.26 -10.55 -8.38
C ASN A 293 -26.17 -11.08 -7.45
N VAL A 294 -24.98 -10.49 -7.47
CA VAL A 294 -23.93 -10.84 -6.52
C VAL A 294 -23.97 -9.91 -5.31
N PHE A 295 -24.03 -8.60 -5.54
CA PHE A 295 -24.06 -7.59 -4.48
C PHE A 295 -25.50 -7.16 -4.25
N ILE A 296 -26.30 -8.11 -3.76
CA ILE A 296 -27.74 -7.91 -3.63
C ILE A 296 -28.04 -6.74 -2.70
N GLY A 297 -28.89 -5.83 -3.18
CA GLY A 297 -29.31 -4.70 -2.39
C GLY A 297 -28.36 -3.53 -2.34
N ALA A 298 -27.21 -3.62 -3.01
CA ALA A 298 -26.26 -2.53 -2.97
C ALA A 298 -26.76 -1.37 -3.82
N ASN A 299 -26.38 -0.13 -3.43
CA ASN A 299 -26.55 1.07 -4.25
C ASN A 299 -26.21 0.72 -5.70
N PRO A 300 -27.13 0.93 -6.65
CA PRO A 300 -26.82 0.65 -8.06
C PRO A 300 -25.59 1.41 -8.58
N LEU A 301 -25.30 2.59 -8.02
CA LEU A 301 -24.10 3.29 -8.45
C LEU A 301 -22.84 2.60 -7.93
N ALA A 302 -22.90 1.98 -6.74
CA ALA A 302 -21.76 1.20 -6.27
C ALA A 302 -21.54 -0.02 -7.16
N VAL A 303 -22.63 -0.69 -7.56
CA VAL A 303 -22.51 -1.85 -8.46
C VAL A 303 -21.84 -1.44 -9.76
N ASP A 304 -22.27 -0.30 -10.33
CA ASP A 304 -21.71 0.17 -11.60
C ASP A 304 -20.21 0.40 -11.46
N LEU A 305 -19.78 1.01 -10.35
CA LEU A 305 -18.35 1.28 -10.18
C LEU A 305 -17.55 -0.01 -10.02
N LEU A 306 -18.09 -0.99 -9.29
CA LEU A 306 -17.41 -2.28 -9.16
C LEU A 306 -17.20 -2.96 -10.51
N GLU A 307 -18.19 -2.89 -11.40
CA GLU A 307 -18.02 -3.47 -12.73
C GLU A 307 -16.91 -2.78 -13.52
N LYS A 308 -16.62 -1.52 -13.23
CA LYS A 308 -15.55 -0.82 -13.94
C LYS A 308 -14.18 -1.03 -13.31
N MET A 309 -14.12 -1.37 -12.02
N MET A 309 -14.12 -1.40 -12.03
CA MET A 309 -12.84 -1.69 -11.39
CA MET A 309 -12.85 -1.68 -11.37
C MET A 309 -12.44 -3.15 -11.63
C MET A 309 -12.44 -3.14 -11.50
N LEU A 310 -13.39 -4.07 -11.50
CA LEU A 310 -13.08 -5.51 -11.54
C LEU A 310 -13.23 -6.04 -12.98
N VAL A 311 -12.34 -5.54 -13.83
CA VAL A 311 -12.22 -5.94 -15.22
C VAL A 311 -10.96 -6.76 -15.37
N LEU A 312 -11.06 -7.90 -16.06
CA LEU A 312 -9.91 -8.80 -16.15
C LEU A 312 -8.75 -8.17 -16.91
N ASP A 313 -9.04 -7.50 -18.04
CA ASP A 313 -8.00 -6.89 -18.86
C ASP A 313 -7.60 -5.56 -18.24
N SER A 314 -6.35 -5.49 -17.74
CA SER A 314 -5.95 -4.33 -16.97
C SER A 314 -5.91 -3.04 -17.80
N ASP A 315 -5.70 -3.15 -19.12
CA ASP A 315 -5.79 -1.99 -20.01
C ASP A 315 -7.15 -1.29 -19.93
N LYS A 316 -8.20 -2.01 -19.56
CA LYS A 316 -9.56 -1.49 -19.66
C LYS A 316 -10.16 -1.09 -18.31
N ARG A 317 -9.46 -1.35 -17.21
CA ARG A 317 -9.91 -0.90 -15.89
C ARG A 317 -9.96 0.62 -15.80
N ILE A 318 -10.93 1.12 -15.04
CA ILE A 318 -11.01 2.54 -14.70
C ILE A 318 -9.75 2.97 -13.92
N THR A 319 -9.32 4.22 -14.15
CA THR A 319 -8.22 4.79 -13.39
C THR A 319 -8.74 5.51 -12.14
N ALA A 320 -7.80 5.82 -11.23
CA ALA A 320 -8.16 6.56 -10.02
C ALA A 320 -8.76 7.92 -10.36
N ALA A 321 -8.14 8.66 -11.28
CA ALA A 321 -8.68 9.97 -11.62
C ALA A 321 -10.07 9.85 -12.26
N GLN A 322 -10.27 8.86 -13.13
CA GLN A 322 -11.59 8.64 -13.71
C GLN A 322 -12.61 8.26 -12.66
N ALA A 323 -12.21 7.40 -11.70
CA ALA A 323 -13.17 6.93 -10.70
C ALA A 323 -13.63 8.06 -9.77
N LEU A 324 -12.77 9.06 -9.51
CA LEU A 324 -13.14 10.16 -8.64
C LEU A 324 -14.33 10.95 -9.18
N ALA A 325 -14.47 10.99 -10.50
CA ALA A 325 -15.54 11.70 -11.17
C ALA A 325 -16.78 10.85 -11.35
N HIS A 326 -16.78 9.62 -10.86
CA HIS A 326 -17.95 8.75 -10.96
C HIS A 326 -19.06 9.24 -10.04
N ALA A 327 -20.32 9.09 -10.50
CA ALA A 327 -21.46 9.62 -9.76
C ALA A 327 -21.60 9.04 -8.36
N TYR A 328 -21.03 7.86 -8.08
CA TYR A 328 -21.11 7.33 -6.72
C TYR A 328 -20.53 8.29 -5.69
N PHE A 329 -19.55 9.14 -6.06
CA PHE A 329 -18.88 10.03 -5.11
C PHE A 329 -19.35 11.49 -5.21
N ALA A 330 -20.52 11.75 -5.80
CA ALA A 330 -20.97 13.13 -6.02
C ALA A 330 -20.99 13.96 -4.74
N GLN A 331 -21.24 13.32 -3.60
CA GLN A 331 -21.24 14.00 -2.31
C GLN A 331 -19.88 14.59 -1.94
N TYR A 332 -18.79 13.97 -2.39
CA TYR A 332 -17.45 14.31 -1.89
C TYR A 332 -16.50 14.84 -2.95
N HIS A 333 -16.75 14.57 -4.23
CA HIS A 333 -15.83 14.93 -5.30
C HIS A 333 -15.67 16.45 -5.38
N ASP A 334 -14.41 16.89 -5.40
CA ASP A 334 -14.07 18.31 -5.58
C ASP A 334 -12.80 18.37 -6.40
N PRO A 335 -12.91 18.64 -7.71
CA PRO A 335 -11.72 18.58 -8.58
C PRO A 335 -10.68 19.65 -8.28
N ASP A 336 -11.01 20.69 -7.51
CA ASP A 336 -9.99 21.63 -7.06
C ASP A 336 -9.32 21.20 -5.76
N ASP A 337 -9.69 20.07 -5.19
CA ASP A 337 -9.11 19.61 -3.93
C ASP A 337 -8.71 18.14 -4.03
N GLU A 338 -8.19 17.73 -5.20
CA GLU A 338 -7.71 16.38 -5.44
C GLU A 338 -6.32 16.46 -6.07
N PRO A 339 -5.30 16.80 -5.29
CA PRO A 339 -4.02 17.23 -5.86
C PRO A 339 -3.16 16.08 -6.38
N VAL A 340 -2.21 16.44 -7.24
CA VAL A 340 -1.25 15.49 -7.78
C VAL A 340 0.11 15.74 -7.13
N ALA A 341 1.06 14.82 -7.38
CA ALA A 341 2.36 14.85 -6.73
C ALA A 341 3.39 15.62 -7.55
N ASP A 342 4.42 16.11 -6.85
CA ASP A 342 5.64 16.56 -7.52
C ASP A 342 6.28 15.38 -8.25
N PRO A 343 7.03 15.63 -9.32
CA PRO A 343 7.67 14.54 -10.07
C PRO A 343 8.63 13.77 -9.16
N TYR A 344 8.74 12.46 -9.43
CA TYR A 344 9.52 11.55 -8.60
C TYR A 344 10.54 10.83 -9.48
N ASP A 345 11.83 11.10 -9.24
CA ASP A 345 12.91 10.53 -10.04
C ASP A 345 13.30 9.17 -9.46
N GLN A 346 12.98 8.08 -10.19
CA GLN A 346 13.31 6.72 -9.78
C GLN A 346 14.45 6.13 -10.60
N SER A 347 15.30 6.97 -11.19
CA SER A 347 16.37 6.45 -12.04
C SER A 347 17.34 5.57 -11.27
N PHE A 348 17.44 5.75 -9.95
CA PHE A 348 18.31 4.91 -9.14
C PHE A 348 17.96 3.42 -9.25
N GLU A 349 16.71 3.09 -9.61
CA GLU A 349 16.29 1.69 -9.59
C GLU A 349 17.06 0.84 -10.61
N SER A 350 17.59 1.47 -11.66
CA SER A 350 18.35 0.74 -12.67
C SER A 350 19.85 0.88 -12.44
N ARG A 351 20.27 1.47 -11.32
CA ARG A 351 21.67 1.74 -11.04
C ARG A 351 22.30 0.59 -10.26
N ASP A 352 23.54 0.25 -10.58
CA ASP A 352 24.26 -0.83 -9.94
C ASP A 352 25.39 -0.26 -9.09
N LEU A 353 25.22 -0.28 -7.77
CA LEU A 353 26.17 0.33 -6.85
C LEU A 353 26.65 -0.67 -5.81
N LEU A 354 27.73 -0.33 -5.13
CA LEU A 354 28.23 -1.10 -4.01
C LEU A 354 27.53 -0.70 -2.70
N ILE A 355 27.59 -1.61 -1.72
CA ILE A 355 26.94 -1.36 -0.43
C ILE A 355 27.29 0.03 0.10
N ASP A 356 28.58 0.35 0.15
CA ASP A 356 29.00 1.61 0.74
C ASP A 356 28.50 2.81 -0.05
N GLU A 357 28.23 2.63 -1.35
CA GLU A 357 27.70 3.73 -2.14
C GLU A 357 26.20 3.94 -1.87
N TRP A 358 25.43 2.85 -1.82
CA TRP A 358 24.04 2.95 -1.37
C TRP A 358 23.96 3.54 0.04
N LYS A 359 24.89 3.13 0.91
CA LYS A 359 24.92 3.63 2.29
C LYS A 359 25.19 5.12 2.32
N SER A 360 26.11 5.60 1.48
CA SER A 360 26.42 7.03 1.46
C SER A 360 25.25 7.85 0.92
N LEU A 361 24.58 7.34 -0.12
CA LEU A 361 23.37 7.99 -0.63
C LEU A 361 22.31 8.08 0.47
N THR A 362 22.11 7.01 1.24
CA THR A 362 21.13 7.05 2.32
C THR A 362 21.52 8.09 3.36
N TYR A 363 22.80 8.14 3.73
CA TYR A 363 23.28 9.13 4.68
C TYR A 363 22.95 10.54 4.21
N ASP A 364 23.18 10.85 2.93
CA ASP A 364 22.85 12.18 2.43
C ASP A 364 21.37 12.48 2.59
N GLU A 365 20.51 11.48 2.36
CA GLU A 365 19.07 11.71 2.47
C GLU A 365 18.64 11.90 3.93
N VAL A 366 19.29 11.21 4.87
CA VAL A 366 19.00 11.43 6.29
C VAL A 366 19.36 12.86 6.69
N ILE A 367 20.58 13.30 6.35
CA ILE A 367 21.03 14.60 6.84
C ILE A 367 20.38 15.77 6.10
N SER A 368 19.82 15.56 4.91
CA SER A 368 19.13 16.63 4.21
C SER A 368 17.64 16.72 4.51
N PHE A 369 17.12 15.88 5.40
CA PHE A 369 15.68 15.86 5.67
C PHE A 369 15.22 17.19 6.26
N VAL A 370 14.11 17.70 5.76
CA VAL A 370 13.49 18.91 6.30
C VAL A 370 12.10 18.55 6.81
N PRO A 371 11.81 18.78 8.08
CA PRO A 371 10.52 18.35 8.66
C PRO A 371 9.38 19.18 8.10
N PRO A 372 8.16 18.64 8.11
CA PRO A 372 7.01 19.42 7.70
C PRO A 372 6.74 20.53 8.70
N PRO A 373 6.04 21.60 8.29
CA PRO A 373 5.58 22.70 9.14
C PRO A 373 5.06 22.28 10.53
C4 LOE B . -16.81 -15.17 -5.87
C5 LOE B . -17.67 -14.22 -6.74
C6 LOE B . -16.81 -16.26 -2.92
C7 LOE B . -17.58 -14.92 -3.20
C8 LOE B . -18.31 -14.34 -2.00
C10 LOE B . -20.23 -11.60 -0.59
C13 LOE B . -20.49 -13.34 -2.71
N LOE B . -19.03 -13.02 -2.33
C LOE B . -18.59 -15.05 -7.67
O LOE B . -17.03 -16.96 -4.15
C1 LOE B . -19.49 -16.00 -6.85
C11 LOE B . -21.00 -11.02 -1.76
C12 LOE B . -21.46 -12.16 -2.66
C2 LOE B . -18.65 -16.93 -5.96
C3 LOE B . -17.75 -16.10 -5.06
C9 LOE B . -18.87 -12.03 -1.14
O1 LOE B . -18.53 -15.33 -4.18
CL CL C . 24.64 4.67 13.79
CL CL D . 1.02 11.32 7.91
CL CL E . 12.68 13.28 -7.35
CL CL F . -5.61 -7.37 5.31
CL CL G . -5.77 8.72 10.01
CL CL H . -25.35 -13.77 -12.58
CL CL I . 6.03 -11.60 -17.49
MG MG J . 1.07 -3.81 6.58
S SO4 K . -14.93 -13.89 5.28
O1 SO4 K . -14.31 -12.61 5.59
O2 SO4 K . -15.66 -13.80 4.01
O3 SO4 K . -13.91 -14.92 5.16
O4 SO4 K . -15.88 -14.24 6.36
S SO4 L . 2.11 -8.31 6.18
O1 SO4 L . 1.84 -7.71 4.86
O2 SO4 L . 0.84 -8.53 6.88
O3 SO4 L . 2.81 -9.58 5.99
O4 SO4 L . 2.95 -7.41 6.96
S DMS M . 11.80 15.87 -1.46
O DMS M . 11.85 14.47 -2.01
C1 DMS M . 10.19 16.16 -0.66
C2 DMS M . 12.90 15.98 -0.02
#